data_7V9E
#
_entry.id   7V9E
#
_cell.length_a   50.381
_cell.length_b   52.507
_cell.length_c   99.939
_cell.angle_alpha   90.000
_cell.angle_beta   90.000
_cell.angle_gamma   90.000
#
_symmetry.space_group_name_H-M   'P 2 2 21'
#
loop_
_entity.id
_entity.type
_entity.pdbx_description
1 polymer 'RNA (68-MER)'
2 non-polymer GUANINE
3 non-polymer 'BARIUM ION'
4 non-polymer 'SODIUM ION'
5 water water
#
_entity_poly.entity_id   1
_entity_poly.type   'polyribonucleotide'
_entity_poly.pdbx_seq_one_letter_code
;CGGGCUGACCGACCCCCCGAGUUCGCUCGGGGACAACUAGACAUACAGUAUGAAAAUACUG(1MA)GCCCGC
;
_entity_poly.pdbx_strand_id   A
#
loop_
_chem_comp.id
_chem_comp.type
_chem_comp.name
_chem_comp.formula
1MA RNA linking 6-HYDRO-1-METHYLADENOSINE-5'-MONOPHOSPHATE 'C11 H16 N5 O7 P'
A RNA linking ADENOSINE-5'-MONOPHOSPHATE 'C10 H14 N5 O7 P'
BA non-polymer 'BARIUM ION' 'Ba 2'
C RNA linking CYTIDINE-5'-MONOPHOSPHATE 'C9 H14 N3 O8 P'
G RNA linking GUANOSINE-5'-MONOPHOSPHATE 'C10 H14 N5 O8 P'
GUN non-polymer GUANINE 'C5 H5 N5 O'
NA non-polymer 'SODIUM ION' 'Na 1'
U RNA linking URIDINE-5'-MONOPHOSPHATE 'C9 H13 N2 O9 P'
#
# COMPACT_ATOMS: atom_id res chain seq x y z
P 1MA A 62 -3.57 -6.99 -4.45
OP1 1MA A 62 -4.55 -7.79 -3.62
OP2 1MA A 62 -3.95 -6.60 -5.84
O5' 1MA A 62 -3.19 -5.67 -3.65
C5' 1MA A 62 -4.06 -5.17 -2.65
C4' 1MA A 62 -3.60 -5.54 -1.27
O4' 1MA A 62 -2.30 -4.92 -1.02
C3' 1MA A 62 -4.51 -5.04 -0.15
O3' 1MA A 62 -4.39 -5.90 0.98
C2' 1MA A 62 -3.90 -3.68 0.18
O2' 1MA A 62 -4.24 -3.18 1.46
C1' 1MA A 62 -2.41 -4.02 0.05
N9 1MA A 62 -1.55 -2.85 -0.22
C8 1MA A 62 -2.01 -2.44 -1.43
N7 1MA A 62 -1.30 -1.35 -1.79
C5 1MA A 62 -0.40 -1.10 -0.83
C6 1MA A 62 0.68 -0.03 -0.62
N6 1MA A 62 0.82 0.86 -1.51
N1 1MA A 62 1.50 -0.04 0.57
CM1 1MA A 62 2.53 0.96 0.82
C2 1MA A 62 1.31 -1.03 1.57
N3 1MA A 62 0.29 -2.04 1.38
C4 1MA A 62 -0.56 -2.04 0.16
H5' 1MA A 62 -4.94 -5.54 -2.80
H5'' 1MA A 62 -4.09 -4.20 -2.73
H4' 1MA A 62 -3.51 -6.50 -1.19
H3' 1MA A 62 -5.44 -4.95 -0.45
H2' 1MA A 62 -4.15 -3.03 -0.50
HO2' 1MA A 62 -4.55 -3.82 1.94
H1' 1MA A 62 -2.11 -4.45 0.86
H8 1MA A 62 -2.52 -2.41 -2.21
HN61 1MA A 62 1.44 1.49 -1.47
HM11 1MA A 62 2.14 1.84 0.83
HM12 1MA A 62 3.20 0.91 0.11
HM13 1MA A 62 2.95 0.78 1.66
H2 1MA A 62 1.84 -1.04 2.35
N9 GUN B . 4.40 4.27 -2.63
C8 GUN B . 3.32 3.47 -2.47
N7 GUN B . 3.27 3.10 -1.17
C5 GUN B . 4.28 3.67 -0.53
C6 GUN B . 4.75 3.63 0.93
O6 GUN B . 4.16 2.99 1.72
N1 GUN B . 5.91 4.37 1.32
C2 GUN B . 6.65 5.12 0.36
N2 GUN B . 7.82 5.88 0.74
N3 GUN B . 6.19 5.16 -1.01
C4 GUN B . 4.98 4.40 -1.44
HN9 GUN B . 4.64 4.65 -3.36
H8 GUN B . 2.73 3.21 -3.13
HN1 GUN B . 6.17 4.35 2.15
HN21 GUN B . 8.25 6.33 0.15
HN22 GUN B . 8.09 5.86 1.56
BA BA C . -7.36 5.44 7.33
BA BA D . -1.23 25.13 7.07
BA BA E . -4.85 7.98 15.56
BA BA F . -12.38 -2.29 4.10
BA BA G . -2.21 5.68 19.73
BA BA H . -15.28 -9.93 2.22
BA BA I . 19.16 -10.98 -10.27
BA BA J . 6.07 3.85 -7.50
BA BA K . 12.79 -5.93 -5.34
NA NA L . -13.26 3.85 0.27
NA NA M . -3.97 13.26 -0.86
#